data_4D6X
#
_entry.id   4D6X
#
_cell.length_a   38.670
_cell.length_b   110.940
_cell.length_c   119.430
_cell.angle_alpha   90.00
_cell.angle_beta   90.00
_cell.angle_gamma   90.00
#
_symmetry.space_group_name_H-M   'P 21 21 21'
#
loop_
_entity.id
_entity.type
_entity.pdbx_description
1 polymer 'BACTERIAL REGULATORY, FIS FAMILY PROTEIN'
2 non-polymer IMIDAZOLE
3 water water
#
_entity_poly.entity_id   1
_entity_poly.type   'polypeptide(L)'
_entity_poly.pdbx_seq_one_letter_code
;MASMTGGQQMGRGSMAADILVVDDEVDIRDLVAGILSDEGHETRTAFDADSALAAINDRAPRLVFLDIWLQGSRLDGLAL
LDEIKKQHPELPVVMISGHGNIETAVSAIRRGAYDFIEKPFKADRLILVAERALETSKLKLEHHHHHH
;
_entity_poly.pdbx_strand_id   A,B,C,D
#
# COMPACT_ATOMS: atom_id res chain seq x y z
N ASP A 18 18.38 3.99 -4.17
CA ASP A 18 18.86 5.26 -3.63
C ASP A 18 17.69 6.27 -3.40
N ILE A 19 17.96 7.35 -2.65
CA ILE A 19 17.00 8.40 -2.30
C ILE A 19 17.74 9.78 -2.45
N LEU A 20 17.41 10.51 -3.56
CA LEU A 20 18.01 11.79 -3.97
C LEU A 20 17.25 13.02 -3.46
N VAL A 21 17.98 13.93 -2.77
CA VAL A 21 17.41 15.17 -2.23
C VAL A 21 17.91 16.32 -3.07
N VAL A 22 16.99 16.99 -3.81
CA VAL A 22 17.29 18.12 -4.71
C VAL A 22 16.75 19.40 -4.09
N ASP A 23 17.65 20.28 -3.61
CA ASP A 23 17.27 21.53 -2.96
C ASP A 23 18.47 22.48 -2.97
N ASP A 24 18.28 23.71 -3.45
CA ASP A 24 19.34 24.74 -3.50
C ASP A 24 19.63 25.26 -2.07
N GLU A 25 18.61 25.20 -1.19
CA GLU A 25 18.63 25.59 0.22
C GLU A 25 19.39 24.51 0.98
N VAL A 26 20.71 24.72 1.18
CA VAL A 26 21.65 23.78 1.81
C VAL A 26 21.18 23.33 3.22
N ASP A 27 20.64 24.27 4.02
CA ASP A 27 20.17 24.03 5.39
C ASP A 27 19.03 22.98 5.39
N ILE A 28 17.99 23.20 4.56
CA ILE A 28 16.84 22.30 4.44
C ILE A 28 17.30 20.98 3.83
N ARG A 29 18.15 21.03 2.80
CA ARG A 29 18.70 19.84 2.15
C ARG A 29 19.47 18.97 3.16
N ASP A 30 20.32 19.58 4.00
CA ASP A 30 21.10 18.86 5.03
C ASP A 30 20.19 18.24 6.07
N LEU A 31 19.15 18.99 6.49
CA LEU A 31 18.16 18.57 7.47
C LEU A 31 17.38 17.36 6.96
N VAL A 32 16.89 17.42 5.70
CA VAL A 32 16.13 16.33 5.06
C VAL A 32 17.03 15.09 4.95
N ALA A 33 18.21 15.23 4.30
CA ALA A 33 19.18 14.14 4.09
C ALA A 33 19.60 13.50 5.42
N GLY A 34 19.81 14.33 6.46
CA GLY A 34 20.19 13.90 7.80
C GLY A 34 19.14 13.04 8.48
N ILE A 35 17.87 13.51 8.46
CA ILE A 35 16.72 12.81 9.05
C ILE A 35 16.56 11.42 8.39
N LEU A 36 16.63 11.36 7.05
CA LEU A 36 16.46 10.13 6.28
C LEU A 36 17.62 9.16 6.47
N SER A 37 18.85 9.68 6.58
CA SER A 37 20.06 8.87 6.79
C SER A 37 20.04 8.24 8.18
N ASP A 38 19.55 9.00 9.19
CA ASP A 38 19.42 8.55 10.59
C ASP A 38 18.40 7.41 10.71
N GLU A 39 17.48 7.32 9.73
CA GLU A 39 16.44 6.31 9.67
C GLU A 39 16.90 5.05 8.90
N GLY A 40 18.07 5.13 8.28
CA GLY A 40 18.63 3.99 7.57
C GLY A 40 18.59 4.04 6.05
N HIS A 41 18.35 5.24 5.49
CA HIS A 41 18.34 5.40 4.03
C HIS A 41 19.66 6.00 3.55
N GLU A 42 20.16 5.54 2.40
CA GLU A 42 21.37 6.07 1.77
C GLU A 42 20.97 7.30 0.92
N THR A 43 21.44 8.50 1.30
CA THR A 43 21.06 9.73 0.63
C THR A 43 22.16 10.30 -0.26
N ARG A 44 21.71 10.93 -1.36
CA ARG A 44 22.49 11.66 -2.36
C ARG A 44 21.86 13.05 -2.54
N THR A 45 22.68 14.12 -2.65
CA THR A 45 22.18 15.50 -2.78
C THR A 45 22.53 16.09 -4.14
N ALA A 46 21.71 17.08 -4.56
CA ALA A 46 21.83 17.89 -5.77
C ALA A 46 21.30 19.27 -5.43
N PHE A 47 21.68 20.30 -6.18
CA PHE A 47 21.32 21.69 -5.84
C PHE A 47 20.61 22.43 -6.96
N ASP A 48 20.44 21.78 -8.13
CA ASP A 48 19.75 22.35 -9.28
C ASP A 48 19.33 21.23 -10.26
N ALA A 49 18.75 21.60 -11.40
CA ALA A 49 18.26 20.70 -12.44
C ALA A 49 19.39 19.84 -13.04
N ASP A 50 20.53 20.46 -13.42
CA ASP A 50 21.66 19.79 -14.04
C ASP A 50 22.32 18.76 -13.10
N SER A 51 22.51 19.10 -11.81
CA SER A 51 23.13 18.20 -10.84
C SER A 51 22.22 17.02 -10.51
N ALA A 52 20.88 17.28 -10.44
CA ALA A 52 19.86 16.27 -10.17
C ALA A 52 19.75 15.27 -11.30
N LEU A 53 19.63 15.77 -12.56
CA LEU A 53 19.51 14.93 -13.76
C LEU A 53 20.77 14.08 -13.96
N ALA A 54 21.97 14.64 -13.70
CA ALA A 54 23.23 13.92 -13.79
C ALA A 54 23.29 12.81 -12.73
N ALA A 55 22.82 13.08 -11.49
CA ALA A 55 22.80 12.10 -10.39
C ALA A 55 21.83 10.93 -10.70
N ILE A 56 20.64 11.23 -11.26
CA ILE A 56 19.64 10.20 -11.62
C ILE A 56 20.17 9.34 -12.77
N ASN A 57 20.79 9.96 -13.80
CA ASN A 57 21.34 9.24 -14.95
C ASN A 57 22.57 8.40 -14.55
N ASP A 58 23.32 8.82 -13.50
CA ASP A 58 24.45 8.09 -12.94
C ASP A 58 23.95 6.75 -12.39
N ARG A 59 22.88 6.81 -11.57
CA ARG A 59 22.17 5.67 -10.99
C ARG A 59 20.80 6.17 -10.52
N ALA A 60 19.73 5.53 -11.03
CA ALA A 60 18.35 5.90 -10.72
C ALA A 60 18.00 5.66 -9.24
N PRO A 61 17.64 6.71 -8.53
CA PRO A 61 17.31 6.61 -7.12
C PRO A 61 15.94 6.01 -6.92
N ARG A 62 15.68 5.51 -5.73
CA ARG A 62 14.35 5.04 -5.43
C ARG A 62 13.30 6.14 -5.31
N LEU A 63 13.68 7.25 -4.69
CA LEU A 63 12.78 8.30 -4.33
C LEU A 63 13.49 9.63 -4.50
N VAL A 64 12.76 10.66 -4.89
CA VAL A 64 13.32 12.00 -4.95
C VAL A 64 12.54 12.97 -4.11
N PHE A 65 13.27 13.78 -3.37
CA PHE A 65 12.70 14.89 -2.63
C PHE A 65 13.12 16.11 -3.42
N LEU A 66 12.16 16.93 -3.84
CA LEU A 66 12.47 18.05 -4.73
C LEU A 66 11.87 19.36 -4.26
N ASP A 67 12.72 20.39 -4.11
CA ASP A 67 12.24 21.72 -3.73
C ASP A 67 11.49 22.34 -4.92
N ILE A 68 10.38 23.01 -4.61
CA ILE A 68 9.45 23.62 -5.55
C ILE A 68 10.09 24.81 -6.28
N TRP A 69 11.00 25.55 -5.61
CA TRP A 69 11.67 26.72 -6.18
C TRP A 69 12.94 26.36 -6.96
N LEU A 70 13.95 25.79 -6.27
CA LEU A 70 15.30 25.54 -6.83
C LEU A 70 15.89 26.83 -7.39
N GLN A 71 16.01 27.88 -6.54
CA GLN A 71 16.56 29.19 -6.90
C GLN A 71 17.99 29.02 -7.44
N GLY A 72 18.28 29.67 -8.57
CA GLY A 72 19.58 29.60 -9.24
C GLY A 72 19.68 28.50 -10.29
N SER A 73 18.66 27.65 -10.39
CA SER A 73 18.59 26.52 -11.31
C SER A 73 18.07 26.94 -12.69
N ARG A 74 18.56 26.26 -13.73
CA ARG A 74 18.16 26.45 -15.13
C ARG A 74 16.64 26.14 -15.29
N LEU A 75 16.20 25.10 -14.57
CA LEU A 75 14.83 24.61 -14.48
C LEU A 75 14.38 24.68 -13.02
N ASP A 76 13.21 25.31 -12.73
CA ASP A 76 12.70 25.36 -11.35
C ASP A 76 12.19 23.96 -10.92
N GLY A 77 11.74 23.82 -9.69
CA GLY A 77 11.28 22.55 -9.14
C GLY A 77 10.19 21.82 -9.93
N LEU A 78 9.21 22.55 -10.48
CA LEU A 78 8.13 21.92 -11.23
C LEU A 78 8.55 21.56 -12.67
N ALA A 79 9.41 22.39 -13.28
CA ALA A 79 9.96 22.17 -14.62
C ALA A 79 10.92 20.97 -14.58
N LEU A 80 11.65 20.80 -13.44
CA LEU A 80 12.52 19.67 -13.18
C LEU A 80 11.67 18.42 -12.90
N LEU A 81 10.56 18.57 -12.14
CA LEU A 81 9.63 17.45 -11.86
C LEU A 81 9.14 16.88 -13.20
N ASP A 82 8.71 17.75 -14.14
CA ASP A 82 8.25 17.36 -15.46
C ASP A 82 9.31 16.55 -16.22
N GLU A 83 10.59 16.98 -16.13
CA GLU A 83 11.73 16.34 -16.79
C GLU A 83 12.02 14.97 -16.19
N ILE A 84 12.06 14.86 -14.85
CA ILE A 84 12.29 13.60 -14.14
C ILE A 84 11.17 12.61 -14.49
N LYS A 85 9.89 13.08 -14.50
CA LYS A 85 8.70 12.27 -14.82
C LYS A 85 8.67 11.81 -16.27
N LYS A 86 9.18 12.63 -17.19
CA LYS A 86 9.25 12.32 -18.62
C LYS A 86 10.28 11.19 -18.86
N GLN A 87 11.43 11.28 -18.18
CA GLN A 87 12.55 10.34 -18.32
C GLN A 87 12.38 9.09 -17.45
N HIS A 88 11.77 9.23 -16.25
CA HIS A 88 11.57 8.13 -15.30
C HIS A 88 10.12 8.20 -14.75
N PRO A 89 9.11 7.73 -15.53
CA PRO A 89 7.71 7.85 -15.07
C PRO A 89 7.38 7.11 -13.77
N GLU A 90 8.06 5.98 -13.49
CA GLU A 90 7.84 5.15 -12.31
C GLU A 90 8.55 5.68 -11.05
N LEU A 91 9.45 6.68 -11.19
CA LEU A 91 10.21 7.24 -10.07
C LEU A 91 9.35 8.21 -9.22
N PRO A 92 9.06 7.88 -7.94
CA PRO A 92 8.26 8.80 -7.09
C PRO A 92 9.04 10.07 -6.73
N VAL A 93 8.38 11.21 -6.88
CA VAL A 93 8.95 12.51 -6.54
C VAL A 93 8.05 13.16 -5.48
N VAL A 94 8.65 13.54 -4.33
CA VAL A 94 7.94 14.26 -3.27
C VAL A 94 8.45 15.69 -3.27
N MET A 95 7.53 16.67 -3.36
CA MET A 95 7.89 18.08 -3.37
C MET A 95 8.10 18.62 -1.97
N ILE A 96 8.93 19.65 -1.87
CA ILE A 96 9.08 20.37 -0.62
C ILE A 96 8.73 21.83 -0.94
N SER A 97 7.80 22.39 -0.15
CA SER A 97 7.26 23.73 -0.35
C SER A 97 7.31 24.61 0.92
N GLY A 98 6.83 25.84 0.80
CA GLY A 98 6.74 26.82 1.88
C GLY A 98 5.34 27.30 2.13
N HIS A 99 5.19 28.21 3.11
CA HIS A 99 3.89 28.79 3.47
C HIS A 99 3.36 29.63 2.31
N GLY A 100 2.12 29.35 1.91
CA GLY A 100 1.49 30.04 0.79
C GLY A 100 1.66 29.38 -0.56
N ASN A 101 2.29 28.19 -0.62
CA ASN A 101 2.57 27.48 -1.86
C ASN A 101 1.69 26.26 -2.08
N ILE A 102 0.60 26.05 -1.28
CA ILE A 102 -0.27 24.88 -1.42
C ILE A 102 -0.78 24.74 -2.87
N GLU A 103 -1.22 25.84 -3.54
CA GLU A 103 -1.68 25.70 -4.93
C GLU A 103 -0.53 25.19 -5.89
N THR A 104 0.71 25.63 -5.69
CA THR A 104 1.85 25.20 -6.51
C THR A 104 2.16 23.70 -6.22
N ALA A 105 2.07 23.31 -4.94
CA ALA A 105 2.23 21.91 -4.52
C ALA A 105 1.11 21.05 -5.14
N VAL A 106 -0.17 21.51 -5.16
CA VAL A 106 -1.23 20.70 -5.77
C VAL A 106 -1.00 20.64 -7.31
N SER A 107 -0.50 21.70 -7.93
CA SER A 107 -0.15 21.69 -9.37
C SER A 107 0.95 20.61 -9.66
N ALA A 108 1.92 20.50 -8.75
CA ALA A 108 2.96 19.46 -8.83
C ALA A 108 2.34 18.05 -8.74
N ILE A 109 1.32 17.82 -7.88
CA ILE A 109 0.66 16.50 -7.79
C ILE A 109 -0.05 16.19 -9.13
N ARG A 110 -0.73 17.18 -9.71
CA ARG A 110 -1.40 17.06 -11.01
C ARG A 110 -0.43 16.70 -12.12
N ARG A 111 0.85 17.09 -11.98
CA ARG A 111 1.96 16.85 -12.94
C ARG A 111 2.78 15.57 -12.59
N GLY A 112 2.30 14.78 -11.64
CA GLY A 112 2.94 13.52 -11.27
C GLY A 112 3.68 13.38 -9.96
N ALA A 113 3.80 14.46 -9.16
CA ALA A 113 4.45 14.36 -7.84
C ALA A 113 3.59 13.50 -6.90
N TYR A 114 4.23 12.66 -6.09
CA TYR A 114 3.53 11.75 -5.19
C TYR A 114 2.86 12.52 -4.05
N ASP A 115 3.57 13.48 -3.47
CA ASP A 115 3.08 14.26 -2.33
C ASP A 115 3.89 15.52 -2.22
N PHE A 116 3.70 16.27 -1.12
CA PHE A 116 4.50 17.45 -0.76
C PHE A 116 4.63 17.57 0.75
N ILE A 117 5.70 18.22 1.19
CA ILE A 117 5.92 18.51 2.61
C ILE A 117 6.17 20.01 2.72
N GLU A 118 5.44 20.68 3.62
CA GLU A 118 5.53 22.12 3.81
C GLU A 118 6.45 22.49 4.99
N LYS A 119 7.41 23.41 4.75
CA LYS A 119 8.31 23.98 5.77
C LYS A 119 7.52 24.94 6.65
N PRO A 120 7.69 24.94 8.00
CA PRO A 120 8.55 24.04 8.79
C PRO A 120 7.90 22.67 8.96
N PHE A 121 8.68 21.60 8.74
CA PHE A 121 8.14 20.24 8.90
C PHE A 121 8.90 19.48 9.97
N LYS A 122 8.23 18.51 10.59
CA LYS A 122 8.80 17.64 11.62
C LYS A 122 9.42 16.41 10.94
N ALA A 123 10.31 15.70 11.67
CA ALA A 123 11.07 14.54 11.17
C ALA A 123 10.17 13.33 10.88
N ASP A 124 9.22 13.02 11.78
CA ASP A 124 8.29 11.90 11.66
C ASP A 124 7.43 12.02 10.40
N ARG A 125 6.98 13.26 10.08
CA ARG A 125 6.18 13.59 8.89
C ARG A 125 6.97 13.28 7.62
N LEU A 126 8.26 13.68 7.59
CA LEU A 126 9.15 13.46 6.47
C LEU A 126 9.38 11.96 6.25
N ILE A 127 9.69 11.22 7.33
CA ILE A 127 9.92 9.78 7.27
C ILE A 127 8.64 9.08 6.77
N LEU A 128 7.46 9.47 7.31
CA LEU A 128 6.16 8.92 6.93
C LEU A 128 5.90 9.04 5.42
N VAL A 129 6.06 10.26 4.84
CA VAL A 129 5.85 10.49 3.42
C VAL A 129 6.87 9.68 2.58
N ALA A 130 8.14 9.61 3.06
CA ALA A 130 9.19 8.82 2.42
C ALA A 130 8.81 7.34 2.40
N GLU A 131 8.32 6.83 3.55
CA GLU A 131 7.85 5.44 3.75
C GLU A 131 6.72 5.14 2.75
N ARG A 132 5.64 5.95 2.80
CA ARG A 132 4.43 5.87 1.97
C ARG A 132 4.76 5.86 0.46
N ALA A 133 5.73 6.71 0.00
CA ALA A 133 6.16 6.80 -1.40
C ALA A 133 6.91 5.55 -1.84
N LEU A 134 7.75 4.98 -0.94
CA LEU A 134 8.54 3.78 -1.21
C LEU A 134 7.69 2.50 -1.29
N GLU A 135 6.48 2.43 -0.66
CA GLU A 135 5.63 1.22 -0.72
C GLU A 135 4.97 1.04 -2.08
N THR A 136 4.54 2.14 -2.73
CA THR A 136 3.87 2.08 -4.03
C THR A 136 4.96 1.84 -5.11
N SER A 137 5.13 0.56 -5.50
CA SER A 137 6.10 0.08 -6.48
C SER A 137 5.63 -1.25 -7.09
N ASP B 18 -22.78 24.09 -15.61
CA ASP B 18 -23.50 23.02 -14.92
C ASP B 18 -22.57 22.29 -13.92
N ILE B 19 -22.81 22.51 -12.61
CA ILE B 19 -21.98 21.97 -11.53
C ILE B 19 -22.77 20.98 -10.67
N LEU B 20 -22.25 19.76 -10.51
CA LEU B 20 -22.83 18.75 -9.64
C LEU B 20 -22.09 18.76 -8.29
N VAL B 21 -22.83 18.97 -7.19
CA VAL B 21 -22.27 19.03 -5.85
C VAL B 21 -22.65 17.73 -5.14
N VAL B 22 -21.67 16.89 -4.82
CA VAL B 22 -21.88 15.59 -4.17
C VAL B 22 -21.37 15.63 -2.75
N ASP B 23 -22.26 15.57 -1.78
CA ASP B 23 -21.94 15.59 -0.36
C ASP B 23 -23.01 14.91 0.47
N ASP B 24 -22.54 14.23 1.54
CA ASP B 24 -23.31 13.50 2.54
C ASP B 24 -24.02 14.47 3.49
N GLU B 25 -23.40 15.63 3.77
CA GLU B 25 -24.00 16.65 4.64
C GLU B 25 -24.80 17.64 3.78
N VAL B 26 -26.12 17.73 4.04
CA VAL B 26 -27.04 18.63 3.33
C VAL B 26 -26.67 20.12 3.54
N ASP B 27 -26.18 20.50 4.75
CA ASP B 27 -25.83 21.88 5.08
C ASP B 27 -24.69 22.36 4.20
N ILE B 28 -23.58 21.59 4.10
CA ILE B 28 -22.42 21.94 3.28
C ILE B 28 -22.82 21.94 1.81
N ARG B 29 -23.59 20.92 1.40
CA ARG B 29 -24.05 20.79 0.02
C ARG B 29 -24.91 21.99 -0.39
N ASP B 30 -25.84 22.44 0.48
CA ASP B 30 -26.70 23.60 0.22
C ASP B 30 -25.87 24.87 0.12
N LEU B 31 -24.89 25.01 1.03
CA LEU B 31 -24.00 26.16 1.11
C LEU B 31 -23.17 26.27 -0.17
N VAL B 32 -22.56 25.16 -0.63
CA VAL B 32 -21.75 25.11 -1.85
C VAL B 32 -22.62 25.45 -3.07
N ALA B 33 -23.73 24.70 -3.25
CA ALA B 33 -24.69 24.89 -4.37
C ALA B 33 -25.23 26.33 -4.41
N GLY B 34 -25.55 26.89 -3.23
CA GLY B 34 -26.05 28.26 -3.06
C GLY B 34 -25.06 29.32 -3.50
N ILE B 35 -23.80 29.21 -3.03
CA ILE B 35 -22.70 30.13 -3.38
C ILE B 35 -22.48 30.15 -4.91
N LEU B 36 -22.44 28.96 -5.54
CA LEU B 36 -22.20 28.81 -6.98
C LEU B 36 -23.37 29.29 -7.81
N SER B 37 -24.61 29.05 -7.34
CA SER B 37 -25.83 29.50 -8.02
C SER B 37 -25.94 31.03 -7.99
N ASP B 38 -25.53 31.66 -6.87
CA ASP B 38 -25.52 33.11 -6.68
C ASP B 38 -24.50 33.79 -7.60
N GLU B 39 -23.52 33.02 -8.08
CA GLU B 39 -22.47 33.47 -8.98
C GLU B 39 -22.89 33.30 -10.46
N GLY B 40 -24.03 32.63 -10.68
CA GLY B 40 -24.61 32.42 -12.01
C GLY B 40 -24.54 31.01 -12.59
N HIS B 41 -24.07 30.03 -11.80
CA HIS B 41 -23.94 28.66 -12.28
C HIS B 41 -25.18 27.82 -11.98
N GLU B 42 -25.56 26.96 -12.94
CA GLU B 42 -26.64 25.97 -12.81
C GLU B 42 -26.08 24.86 -11.92
N THR B 43 -26.72 24.59 -10.77
CA THR B 43 -26.22 23.62 -9.81
C THR B 43 -27.20 22.47 -9.53
N ARG B 44 -26.65 21.23 -9.55
CA ARG B 44 -27.38 20.00 -9.26
C ARG B 44 -26.72 19.34 -8.05
N THR B 45 -27.47 18.52 -7.33
CA THR B 45 -26.92 17.88 -6.14
C THR B 45 -27.12 16.36 -6.15
N ALA B 46 -26.26 15.66 -5.39
CA ALA B 46 -26.28 14.24 -5.14
C ALA B 46 -25.75 14.02 -3.72
N PHE B 47 -26.04 12.88 -3.11
CA PHE B 47 -25.68 12.63 -1.72
C PHE B 47 -24.87 11.35 -1.51
N ASP B 48 -24.70 10.54 -2.58
CA ASP B 48 -23.93 9.28 -2.51
C ASP B 48 -23.46 8.90 -3.92
N ALA B 49 -22.77 7.76 -4.03
CA ALA B 49 -22.24 7.26 -5.29
C ALA B 49 -23.35 6.97 -6.32
N ASP B 50 -24.43 6.30 -5.91
CA ASP B 50 -25.55 5.92 -6.77
C ASP B 50 -26.31 7.14 -7.34
N SER B 51 -26.65 8.15 -6.51
CA SER B 51 -27.36 9.33 -7.00
C SER B 51 -26.44 10.19 -7.89
N ALA B 52 -25.12 10.26 -7.57
CA ALA B 52 -24.14 11.01 -8.35
C ALA B 52 -23.96 10.41 -9.74
N LEU B 53 -23.75 9.08 -9.82
CA LEU B 53 -23.55 8.37 -11.08
C LEU B 53 -24.80 8.45 -11.95
N ALA B 54 -26.01 8.35 -11.34
CA ALA B 54 -27.28 8.48 -12.06
C ALA B 54 -27.43 9.91 -12.63
N ALA B 55 -27.04 10.94 -11.85
CA ALA B 55 -27.11 12.35 -12.28
C ALA B 55 -26.14 12.64 -13.44
N ILE B 56 -24.90 12.08 -13.41
CA ILE B 56 -23.90 12.27 -14.47
C ILE B 56 -24.35 11.55 -15.76
N ASN B 57 -24.88 10.31 -15.64
CA ASN B 57 -25.38 9.53 -16.77
C ASN B 57 -26.62 10.19 -17.40
N ASP B 58 -27.45 10.88 -16.58
CA ASP B 58 -28.64 11.65 -17.02
C ASP B 58 -28.19 12.76 -17.98
N ARG B 59 -27.21 13.58 -17.51
CA ARG B 59 -26.55 14.64 -18.27
C ARG B 59 -25.23 14.96 -17.58
N ALA B 60 -24.15 14.88 -18.35
CA ALA B 60 -22.81 15.12 -17.88
C ALA B 60 -22.62 16.57 -17.43
N PRO B 61 -22.16 16.82 -16.18
CA PRO B 61 -21.91 18.22 -15.75
C PRO B 61 -20.58 18.73 -16.31
N ARG B 62 -20.28 20.02 -16.12
CA ARG B 62 -19.02 20.63 -16.54
C ARG B 62 -17.98 20.51 -15.43
N LEU B 63 -18.45 20.32 -14.19
CA LEU B 63 -17.61 20.21 -13.00
C LEU B 63 -18.35 19.46 -11.90
N VAL B 64 -17.60 18.72 -11.07
CA VAL B 64 -18.12 17.99 -9.93
C VAL B 64 -17.36 18.42 -8.67
N PHE B 65 -18.10 18.79 -7.60
CA PHE B 65 -17.55 19.02 -6.27
C PHE B 65 -17.86 17.73 -5.49
N LEU B 66 -16.83 17.11 -4.90
CA LEU B 66 -16.99 15.79 -4.28
C LEU B 66 -16.36 15.67 -2.91
N ASP B 67 -17.21 15.38 -1.90
CA ASP B 67 -16.76 15.13 -0.54
C ASP B 67 -15.85 13.87 -0.52
N ILE B 68 -14.71 13.96 0.16
CA ILE B 68 -13.73 12.86 0.27
C ILE B 68 -14.30 11.59 1.00
N TRP B 69 -15.28 11.74 1.92
CA TRP B 69 -15.75 10.57 2.66
C TRP B 69 -17.03 9.92 2.14
N LEU B 70 -18.17 10.66 2.09
CA LEU B 70 -19.49 10.15 1.67
C LEU B 70 -19.94 8.97 2.52
N GLN B 71 -20.18 9.21 3.82
CA GLN B 71 -20.61 8.14 4.70
C GLN B 71 -22.08 7.74 4.38
N GLY B 72 -22.32 6.42 4.36
CA GLY B 72 -23.62 5.84 4.04
C GLY B 72 -23.87 5.66 2.55
N SER B 73 -22.79 5.70 1.76
CA SER B 73 -22.77 5.53 0.30
C SER B 73 -22.19 4.15 -0.03
N ARG B 74 -22.55 3.53 -1.19
CA ARG B 74 -21.97 2.21 -1.49
C ARG B 74 -20.46 2.36 -1.87
N LEU B 75 -20.07 3.53 -2.38
CA LEU B 75 -18.70 3.92 -2.76
C LEU B 75 -18.31 5.20 -2.01
N ASP B 76 -17.12 5.25 -1.36
CA ASP B 76 -16.66 6.45 -0.66
C ASP B 76 -16.26 7.53 -1.69
N GLY B 77 -15.89 8.71 -1.21
CA GLY B 77 -15.52 9.83 -2.09
C GLY B 77 -14.44 9.51 -3.10
N LEU B 78 -13.36 8.85 -2.67
CA LEU B 78 -12.24 8.55 -3.58
C LEU B 78 -12.58 7.41 -4.55
N ALA B 79 -13.36 6.39 -4.09
CA ALA B 79 -13.82 5.29 -4.95
C ALA B 79 -14.76 5.87 -6.00
N LEU B 80 -15.63 6.83 -5.60
CA LEU B 80 -16.54 7.50 -6.52
C LEU B 80 -15.76 8.37 -7.52
N LEU B 81 -14.69 9.06 -7.04
CA LEU B 81 -13.82 9.87 -7.90
C LEU B 81 -13.23 8.96 -8.98
N ASP B 82 -12.71 7.76 -8.59
CA ASP B 82 -12.16 6.77 -9.52
C ASP B 82 -13.17 6.37 -10.60
N GLU B 83 -14.44 6.15 -10.20
CA GLU B 83 -15.52 5.76 -11.09
C GLU B 83 -15.89 6.87 -12.08
N ILE B 84 -16.03 8.13 -11.59
CA ILE B 84 -16.33 9.29 -12.43
C ILE B 84 -15.18 9.51 -13.45
N LYS B 85 -13.91 9.41 -13.00
CA LYS B 85 -12.73 9.58 -13.85
C LYS B 85 -12.58 8.47 -14.89
N LYS B 86 -12.99 7.24 -14.54
CA LYS B 86 -12.94 6.08 -15.45
C LYS B 86 -13.95 6.28 -16.60
N GLN B 87 -15.17 6.75 -16.25
CA GLN B 87 -16.28 6.95 -17.18
C GLN B 87 -16.18 8.28 -17.93
N HIS B 88 -15.66 9.34 -17.27
CA HIS B 88 -15.55 10.70 -17.85
C HIS B 88 -14.16 11.27 -17.53
N PRO B 89 -13.11 10.87 -18.28
CA PRO B 89 -11.74 11.33 -17.96
C PRO B 89 -11.52 12.84 -18.04
N GLU B 90 -12.24 13.54 -18.93
CA GLU B 90 -12.09 14.98 -19.13
C GLU B 90 -12.90 15.82 -18.12
N LEU B 91 -13.79 15.18 -17.32
CA LEU B 91 -14.64 15.88 -16.36
C LEU B 91 -13.84 16.29 -15.08
N PRO B 92 -13.68 17.61 -14.82
CA PRO B 92 -12.94 18.05 -13.61
C PRO B 92 -13.72 17.75 -12.33
N VAL B 93 -12.99 17.20 -11.34
CA VAL B 93 -13.56 16.89 -10.03
C VAL B 93 -12.74 17.65 -8.98
N VAL B 94 -13.42 18.45 -8.15
CA VAL B 94 -12.79 19.16 -7.03
C VAL B 94 -13.25 18.51 -5.74
N MET B 95 -12.31 18.11 -4.88
CA MET B 95 -12.65 17.49 -3.61
C MET B 95 -12.99 18.51 -2.53
N ILE B 96 -13.89 18.10 -1.62
CA ILE B 96 -14.27 18.85 -0.43
C ILE B 96 -13.66 18.06 0.74
N SER B 97 -12.69 18.65 1.41
CA SER B 97 -12.00 17.99 2.52
C SER B 97 -12.16 18.82 3.79
N GLY B 98 -11.77 18.24 4.93
CA GLY B 98 -11.83 18.89 6.24
C GLY B 98 -10.45 19.16 6.80
N HIS B 99 -10.38 19.76 8.01
CA HIS B 99 -9.10 20.04 8.66
C HIS B 99 -8.38 18.71 9.01
N GLY B 100 -7.09 18.65 8.69
CA GLY B 100 -6.26 17.46 8.93
C GLY B 100 -6.43 16.35 7.90
N ASN B 101 -7.25 16.57 6.85
CA ASN B 101 -7.51 15.60 5.79
C ASN B 101 -6.71 15.90 4.51
N ILE B 102 -5.63 16.71 4.60
CA ILE B 102 -4.80 17.07 3.44
C ILE B 102 -4.24 15.78 2.78
N GLU B 103 -3.89 14.74 3.55
CA GLU B 103 -3.41 13.44 3.02
C GLU B 103 -4.44 12.81 2.06
N THR B 104 -5.73 12.78 2.45
CA THR B 104 -6.81 12.21 1.62
C THR B 104 -7.00 13.07 0.37
N ALA B 105 -6.92 14.40 0.53
CA ALA B 105 -7.05 15.34 -0.59
C ALA B 105 -5.91 15.14 -1.58
N VAL B 106 -4.65 14.99 -1.11
CA VAL B 106 -3.55 14.76 -2.06
C VAL B 106 -3.69 13.36 -2.70
N SER B 107 -4.18 12.33 -1.97
CA SER B 107 -4.41 11.03 -2.60
C SER B 107 -5.46 11.15 -3.74
N ALA B 108 -6.49 11.99 -3.57
CA ALA B 108 -7.48 12.25 -4.59
C ALA B 108 -6.85 12.97 -5.82
N ILE B 109 -5.89 13.90 -5.63
CA ILE B 109 -5.21 14.60 -6.76
C ILE B 109 -4.43 13.56 -7.57
N ARG B 110 -3.73 12.64 -6.88
CA ARG B 110 -2.97 11.55 -7.52
C ARG B 110 -3.88 10.68 -8.41
N ARG B 111 -5.16 10.55 -8.03
CA ARG B 111 -6.19 9.74 -8.71
C ARG B 111 -7.03 10.54 -9.72
N GLY B 112 -6.62 11.77 -10.02
CA GLY B 112 -7.30 12.58 -11.03
C GLY B 112 -8.10 13.77 -10.60
N ALA B 113 -8.27 14.03 -9.29
CA ALA B 113 -8.99 15.23 -8.85
C ALA B 113 -8.20 16.50 -9.23
N TYR B 114 -8.89 17.54 -9.66
CA TYR B 114 -8.24 18.78 -10.08
C TYR B 114 -7.61 19.51 -8.86
N ASP B 115 -8.38 19.61 -7.77
CA ASP B 115 -7.95 20.34 -6.58
C ASP B 115 -8.86 19.96 -5.44
N PHE B 116 -8.73 20.68 -4.34
CA PHE B 116 -9.57 20.49 -3.17
C PHE B 116 -9.81 21.84 -2.53
N ILE B 117 -10.87 21.92 -1.76
CA ILE B 117 -11.27 23.06 -0.95
C ILE B 117 -11.48 22.49 0.45
N GLU B 118 -10.86 23.11 1.45
CA GLU B 118 -10.94 22.63 2.84
C GLU B 118 -11.97 23.39 3.65
N LYS B 119 -12.84 22.63 4.35
CA LYS B 119 -13.85 23.15 5.28
C LYS B 119 -13.15 23.55 6.58
N PRO B 120 -13.51 24.69 7.23
CA PRO B 120 -14.48 25.71 6.79
C PRO B 120 -13.83 26.65 5.75
N PHE B 121 -14.55 26.92 4.65
CA PHE B 121 -14.02 27.75 3.57
C PHE B 121 -14.80 29.03 3.31
N LYS B 122 -14.12 29.99 2.64
CA LYS B 122 -14.68 31.28 2.23
C LYS B 122 -15.38 31.11 0.88
N ALA B 123 -16.53 31.80 0.66
CA ALA B 123 -17.27 31.77 -0.61
C ALA B 123 -16.35 32.09 -1.80
N ASP B 124 -15.48 33.11 -1.66
CA ASP B 124 -14.53 33.53 -2.68
C ASP B 124 -13.55 32.43 -3.04
N ARG B 125 -13.08 31.65 -2.05
CA ARG B 125 -12.13 30.54 -2.26
C ARG B 125 -12.82 29.34 -2.96
N LEU B 126 -14.14 29.14 -2.72
CA LEU B 126 -14.90 28.10 -3.41
C LEU B 126 -15.11 28.51 -4.87
N ILE B 127 -15.52 29.76 -5.11
CA ILE B 127 -15.73 30.30 -6.46
C ILE B 127 -14.41 30.24 -7.24
N LEU B 128 -13.28 30.64 -6.60
CA LEU B 128 -11.94 30.62 -7.22
C LEU B 128 -11.59 29.23 -7.74
N VAL B 129 -11.72 28.18 -6.90
CA VAL B 129 -11.37 26.81 -7.27
C VAL B 129 -12.34 26.32 -8.39
N ALA B 130 -13.64 26.64 -8.31
CA ALA B 130 -14.61 26.29 -9.36
C ALA B 130 -14.23 26.93 -10.68
N GLU B 131 -13.91 28.25 -10.66
CA GLU B 131 -13.56 29.02 -11.85
C GLU B 131 -12.26 28.55 -12.46
N ARG B 132 -11.25 28.25 -11.63
CA ARG B 132 -9.97 27.71 -12.10
C ARG B 132 -10.16 26.36 -12.76
N ALA B 133 -10.98 25.47 -12.16
CA ALA B 133 -11.28 24.13 -12.70
C ALA B 133 -11.99 24.24 -14.05
N LEU B 134 -12.90 25.20 -14.17
CA LEU B 134 -13.63 25.43 -15.42
C LEU B 134 -12.71 26.10 -16.45
N GLU B 135 -11.91 27.12 -16.03
CA GLU B 135 -10.98 27.87 -16.89
C GLU B 135 -9.97 26.96 -17.59
N THR B 136 -9.55 25.87 -16.93
CA THR B 136 -8.66 24.87 -17.52
C THR B 136 -9.45 24.25 -18.68
N SER B 137 -9.28 24.85 -19.88
CA SER B 137 -9.95 24.59 -21.18
C SER B 137 -11.38 25.15 -21.18
N ASP C 18 -13.26 -15.37 -0.05
CA ASP C 18 -13.55 -13.94 -0.03
C ASP C 18 -13.02 -13.24 1.24
N ILE C 19 -12.31 -12.10 1.05
CA ILE C 19 -11.71 -11.25 2.10
C ILE C 19 -12.26 -9.82 1.97
N LEU C 20 -12.84 -9.29 3.06
CA LEU C 20 -13.31 -7.91 3.12
C LEU C 20 -12.23 -7.03 3.76
N VAL C 21 -11.80 -5.99 3.02
CA VAL C 21 -10.77 -5.06 3.49
C VAL C 21 -11.45 -3.76 3.85
N VAL C 22 -11.41 -3.39 5.13
CA VAL C 22 -12.07 -2.20 5.66
C VAL C 22 -11.03 -1.18 6.07
N ASP C 23 -10.96 -0.07 5.33
CA ASP C 23 -10.03 1.04 5.61
C ASP C 23 -10.56 2.35 5.05
N ASP C 24 -10.39 3.45 5.78
CA ASP C 24 -10.88 4.78 5.35
C ASP C 24 -9.99 5.36 4.24
N GLU C 25 -8.75 4.88 4.15
CA GLU C 25 -7.71 5.30 3.21
C GLU C 25 -7.75 4.39 1.99
N VAL C 26 -8.04 4.95 0.81
CA VAL C 26 -8.17 4.19 -0.44
C VAL C 26 -6.84 3.56 -0.89
N ASP C 27 -5.70 4.28 -0.66
CA ASP C 27 -4.37 3.81 -1.06
C ASP C 27 -4.01 2.53 -0.32
N ILE C 28 -4.17 2.51 1.03
CA ILE C 28 -3.85 1.35 1.86
C ILE C 28 -4.81 0.21 1.51
N ARG C 29 -6.09 0.54 1.37
CA ARG C 29 -7.11 -0.41 1.03
C ARG C 29 -6.83 -1.10 -0.33
N ASP C 30 -6.42 -0.31 -1.34
CA ASP C 30 -6.05 -0.83 -2.67
C ASP C 30 -4.81 -1.70 -2.59
N LEU C 31 -3.82 -1.30 -1.79
CA LEU C 31 -2.57 -2.01 -1.58
C LEU C 31 -2.84 -3.37 -0.94
N VAL C 32 -3.65 -3.42 0.14
CA VAL C 32 -4.01 -4.66 0.86
C VAL C 32 -4.78 -5.57 -0.11
N ALA C 33 -5.89 -5.05 -0.70
CA ALA C 33 -6.75 -5.80 -1.62
C ALA C 33 -5.97 -6.31 -2.83
N GLY C 34 -5.06 -5.49 -3.35
CA GLY C 34 -4.19 -5.80 -4.48
C GLY C 34 -3.23 -6.94 -4.19
N ILE C 35 -2.53 -6.89 -3.04
CA ILE C 35 -1.58 -7.93 -2.59
C ILE C 35 -2.32 -9.28 -2.49
N LEU C 36 -3.50 -9.29 -1.85
CA LEU C 36 -4.29 -10.50 -1.62
C LEU C 36 -4.88 -11.05 -2.91
N SER C 37 -5.33 -10.16 -3.82
CA SER C 37 -5.91 -10.56 -5.11
C SER C 37 -4.84 -11.16 -6.02
N ASP C 38 -3.61 -10.61 -5.97
CA ASP C 38 -2.45 -11.10 -6.75
C ASP C 38 -2.02 -12.49 -6.29
N GLU C 39 -2.41 -12.86 -5.06
CA GLU C 39 -2.09 -14.16 -4.48
C GLU C 39 -3.20 -15.20 -4.77
N GLY C 40 -4.31 -14.73 -5.34
CA GLY C 40 -5.44 -15.58 -5.74
C GLY C 40 -6.71 -15.46 -4.92
N HIS C 41 -6.78 -14.51 -3.99
CA HIS C 41 -7.98 -14.34 -3.15
C HIS C 41 -8.96 -13.32 -3.74
N GLU C 42 -10.26 -13.60 -3.56
CA GLU C 42 -11.31 -12.69 -3.99
C GLU C 42 -11.44 -11.63 -2.90
N THR C 43 -11.35 -10.34 -3.27
CA THR C 43 -11.45 -9.28 -2.27
C THR C 43 -12.62 -8.36 -2.52
N ARG C 44 -13.17 -7.83 -1.43
CA ARG C 44 -14.23 -6.82 -1.38
C ARG C 44 -13.74 -5.70 -0.48
N THR C 45 -14.27 -4.49 -0.62
CA THR C 45 -13.83 -3.37 0.20
C THR C 45 -14.99 -2.62 0.86
N ALA C 46 -14.69 -1.92 1.97
CA ALA C 46 -15.58 -1.06 2.77
C ALA C 46 -14.71 0.04 3.35
N PHE C 47 -15.30 1.13 3.84
CA PHE C 47 -14.53 2.29 4.28
C PHE C 47 -14.93 2.79 5.68
N ASP C 48 -16.02 2.24 6.27
CA ASP C 48 -16.51 2.67 7.57
C ASP C 48 -17.36 1.57 8.21
N ALA C 49 -17.89 1.82 9.43
CA ALA C 49 -18.71 0.85 10.17
C ALA C 49 -19.95 0.42 9.38
N ASP C 50 -20.72 1.40 8.83
CA ASP C 50 -21.94 1.17 8.08
C ASP C 50 -21.72 0.36 6.79
N SER C 51 -20.72 0.69 5.95
CA SER C 51 -20.47 -0.06 4.71
C SER C 51 -19.90 -1.46 4.99
N ALA C 52 -19.10 -1.61 6.08
CA ALA C 52 -18.54 -2.90 6.48
C ALA C 52 -19.64 -3.85 6.93
N LEU C 53 -20.51 -3.38 7.85
CA LEU C 53 -21.63 -4.15 8.38
C LEU C 53 -22.63 -4.51 7.26
N ALA C 54 -22.89 -3.57 6.34
CA ALA C 54 -23.79 -3.81 5.20
C ALA C 54 -23.18 -4.85 4.26
N ALA C 55 -21.85 -4.81 4.02
CA ALA C 55 -21.16 -5.76 3.14
C ALA C 55 -21.19 -7.18 3.73
N ILE C 56 -20.97 -7.31 5.06
CA ILE C 56 -20.98 -8.60 5.77
C ILE C 56 -22.41 -9.18 5.76
N ASN C 57 -23.44 -8.35 6.01
CA ASN C 57 -24.83 -8.79 6.03
C ASN C 57 -25.31 -9.18 4.62
N ASP C 58 -24.76 -8.54 3.57
CA ASP C 58 -25.04 -8.83 2.14
C ASP C 58 -24.58 -10.28 1.83
N ARG C 59 -23.30 -10.57 2.15
CA ARG C 59 -22.60 -11.83 1.97
C ARG C 59 -21.49 -11.91 3.02
N ALA C 60 -21.53 -12.91 3.92
CA ALA C 60 -20.51 -13.06 4.95
C ALA C 60 -19.16 -13.42 4.32
N PRO C 61 -18.08 -12.63 4.56
CA PRO C 61 -16.76 -13.00 4.03
C PRO C 61 -16.14 -14.12 4.88
N ARG C 62 -15.00 -14.66 4.45
CA ARG C 62 -14.29 -15.69 5.21
C ARG C 62 -13.31 -15.02 6.17
N LEU C 63 -12.97 -13.74 5.91
CA LEU C 63 -12.02 -12.96 6.72
C LEU C 63 -12.25 -11.46 6.51
N VAL C 64 -12.01 -10.67 7.57
CA VAL C 64 -12.08 -9.21 7.54
C VAL C 64 -10.74 -8.62 8.00
N PHE C 65 -10.19 -7.68 7.21
CA PHE C 65 -9.03 -6.86 7.57
C PHE C 65 -9.62 -5.53 7.96
N LEU C 66 -9.32 -5.08 9.17
CA LEU C 66 -9.92 -3.87 9.68
C LEU C 66 -8.90 -2.87 10.24
N ASP C 67 -8.87 -1.64 9.70
CA ASP C 67 -8.01 -0.62 10.28
C ASP C 67 -8.60 -0.18 11.61
N ILE C 68 -7.75 0.07 12.59
CA ILE C 68 -8.13 0.48 13.93
C ILE C 68 -8.66 1.94 13.96
N TRP C 69 -8.21 2.78 13.01
CA TRP C 69 -8.61 4.18 12.86
C TRP C 69 -9.52 4.31 11.67
N LEU C 70 -10.81 4.54 11.90
CA LEU C 70 -11.77 4.69 10.81
C LEU C 70 -12.36 6.10 10.89
N GLN C 71 -11.68 7.07 10.23
CA GLN C 71 -12.01 8.50 10.19
C GLN C 71 -13.36 8.78 9.52
N GLY C 72 -14.21 9.49 10.24
CA GLY C 72 -15.53 9.89 9.78
C GLY C 72 -16.67 9.01 10.25
N SER C 73 -16.38 7.69 10.38
CA SER C 73 -17.34 6.66 10.78
C SER C 73 -17.85 6.87 12.20
N ARG C 74 -19.10 6.44 12.44
CA ARG C 74 -19.75 6.52 13.75
C ARG C 74 -19.08 5.54 14.74
N LEU C 75 -18.53 4.41 14.23
CA LEU C 75 -17.84 3.42 15.06
C LEU C 75 -16.39 3.30 14.66
N ASP C 76 -15.46 3.47 15.64
CA ASP C 76 -14.01 3.32 15.44
C ASP C 76 -13.68 1.84 15.19
N GLY C 77 -12.45 1.55 14.78
CA GLY C 77 -12.02 0.19 14.47
C GLY C 77 -12.30 -0.84 15.54
N LEU C 78 -12.02 -0.52 16.82
CA LEU C 78 -12.20 -1.47 17.92
C LEU C 78 -13.67 -1.66 18.25
N ALA C 79 -14.47 -0.57 18.19
CA ALA C 79 -15.92 -0.61 18.39
C ALA C 79 -16.55 -1.43 17.26
N LEU C 80 -16.06 -1.26 16.01
CA LEU C 80 -16.52 -2.04 14.85
C LEU C 80 -16.13 -3.52 15.02
N LEU C 81 -14.90 -3.80 15.54
CA LEU C 81 -14.45 -5.16 15.82
C LEU C 81 -15.44 -5.83 16.78
N ASP C 82 -15.80 -5.13 17.89
CA ASP C 82 -16.77 -5.60 18.87
C ASP C 82 -18.11 -5.94 18.24
N GLU C 83 -18.59 -5.08 17.31
CA GLU C 83 -19.88 -5.25 16.61
C GLU C 83 -19.86 -6.46 15.68
N ILE C 84 -18.78 -6.61 14.87
CA ILE C 84 -18.63 -7.74 13.94
C ILE C 84 -18.59 -9.05 14.74
N LYS C 85 -17.84 -9.08 15.86
CA LYS C 85 -17.70 -10.26 16.70
C LYS C 85 -18.99 -10.63 17.45
N LYS C 86 -19.82 -9.65 17.87
CA LYS C 86 -21.07 -9.99 18.57
C LYS C 86 -22.15 -10.43 17.55
N GLN C 87 -22.06 -10.04 16.26
CA GLN C 87 -22.98 -10.48 15.19
C GLN C 87 -22.50 -11.76 14.50
N HIS C 88 -21.16 -11.89 14.32
CA HIS C 88 -20.54 -13.03 13.64
C HIS C 88 -19.35 -13.53 14.46
N PRO C 89 -19.61 -14.32 15.55
CA PRO C 89 -18.49 -14.79 16.39
C PRO C 89 -17.44 -15.65 15.67
N GLU C 90 -17.86 -16.44 14.65
CA GLU C 90 -17.01 -17.34 13.88
C GLU C 90 -16.16 -16.62 12.82
N LEU C 91 -16.49 -15.35 12.50
CA LEU C 91 -15.80 -14.60 11.46
C LEU C 91 -14.44 -14.03 11.94
N PRO C 92 -13.30 -14.49 11.38
CA PRO C 92 -11.99 -13.93 11.79
C PRO C 92 -11.81 -12.47 11.35
N VAL C 93 -11.36 -11.63 12.28
CA VAL C 93 -11.05 -10.22 12.04
C VAL C 93 -9.59 -9.98 12.38
N VAL C 94 -8.84 -9.43 11.41
CA VAL C 94 -7.43 -9.08 11.58
C VAL C 94 -7.35 -7.57 11.59
N MET C 95 -6.76 -7.01 12.67
CA MET C 95 -6.60 -5.55 12.74
C MET C 95 -5.34 -5.12 11.98
N ILE C 96 -5.42 -3.96 11.32
CA ILE C 96 -4.29 -3.30 10.64
C ILE C 96 -4.14 -1.96 11.31
N SER C 97 -2.94 -1.59 11.72
CA SER C 97 -2.75 -0.34 12.46
C SER C 97 -1.43 0.32 12.15
N GLY C 98 -1.48 1.64 11.99
CA GLY C 98 -0.29 2.44 11.84
C GLY C 98 0.09 3.02 13.18
N HIS C 99 -0.89 3.65 13.86
CA HIS C 99 -0.71 4.29 15.17
C HIS C 99 -1.09 3.29 16.25
N GLY C 100 -0.28 2.25 16.37
CA GLY C 100 -0.50 1.16 17.31
C GLY C 100 0.46 1.11 18.47
N ASN C 101 -0.02 0.55 19.57
CA ASN C 101 0.76 0.35 20.79
C ASN C 101 0.36 -1.02 21.37
N ILE C 102 1.19 -1.56 22.26
CA ILE C 102 0.99 -2.88 22.86
C ILE C 102 -0.38 -3.00 23.51
N GLU C 103 -0.78 -2.01 24.31
CA GLU C 103 -2.05 -1.96 25.06
C GLU C 103 -3.24 -2.13 24.12
N THR C 104 -3.25 -1.43 22.97
CA THR C 104 -4.32 -1.48 21.98
C THR C 104 -4.34 -2.83 21.28
N ALA C 105 -3.14 -3.34 20.92
CA ALA C 105 -2.99 -4.62 20.24
C ALA C 105 -3.50 -5.77 21.14
N VAL C 106 -3.12 -5.78 22.44
CA VAL C 106 -3.58 -6.89 23.30
C VAL C 106 -5.08 -6.74 23.51
N SER C 107 -5.58 -5.49 23.64
CA SER C 107 -7.00 -5.22 23.78
C SER C 107 -7.77 -5.78 22.59
N ALA C 108 -7.27 -5.59 21.35
CA ALA C 108 -7.93 -6.09 20.14
C ALA C 108 -8.02 -7.62 20.17
N ILE C 109 -6.92 -8.33 20.57
CA ILE C 109 -6.92 -9.79 20.61
C ILE C 109 -7.88 -10.29 21.69
N ARG C 110 -7.85 -9.68 22.88
CA ARG C 110 -8.74 -10.06 24.00
C ARG C 110 -10.22 -9.79 23.65
N ARG C 111 -10.48 -8.85 22.69
CA ARG C 111 -11.83 -8.51 22.22
C ARG C 111 -12.21 -9.37 21.00
N GLY C 112 -11.40 -10.37 20.66
CA GLY C 112 -11.72 -11.31 19.58
C GLY C 112 -10.98 -11.20 18.26
N ALA C 113 -10.06 -10.22 18.10
CA ALA C 113 -9.28 -10.12 16.84
C ALA C 113 -8.36 -11.32 16.72
N TYR C 114 -8.26 -11.90 15.51
CA TYR C 114 -7.41 -13.06 15.29
C TYR C 114 -5.93 -12.66 15.39
N ASP C 115 -5.59 -11.51 14.80
CA ASP C 115 -4.22 -11.03 14.80
C ASP C 115 -4.24 -9.54 14.65
N PHE C 116 -3.05 -8.94 14.71
CA PHE C 116 -2.87 -7.50 14.63
C PHE C 116 -1.62 -7.25 13.78
N ILE C 117 -1.78 -6.58 12.65
CA ILE C 117 -0.65 -6.28 11.77
C ILE C 117 -0.33 -4.79 11.88
N GLU C 118 0.92 -4.46 12.17
CA GLU C 118 1.32 -3.04 12.21
C GLU C 118 1.81 -2.55 10.82
N LYS C 119 1.43 -1.33 10.52
CA LYS C 119 1.67 -0.60 9.27
C LYS C 119 2.87 0.35 9.46
N PRO C 120 3.89 0.39 8.54
CA PRO C 120 4.00 -0.34 7.27
C PRO C 120 4.30 -1.84 7.48
N PHE C 121 3.76 -2.67 6.59
CA PHE C 121 3.90 -4.12 6.64
C PHE C 121 4.52 -4.66 5.34
N LYS C 122 5.09 -5.86 5.41
CA LYS C 122 5.60 -6.61 4.26
C LYS C 122 4.42 -7.36 3.62
N ALA C 123 4.34 -7.41 2.27
CA ALA C 123 3.29 -8.15 1.54
C ALA C 123 3.21 -9.62 2.03
N ASP C 124 4.37 -10.27 2.25
CA ASP C 124 4.47 -11.67 2.71
C ASP C 124 3.85 -11.86 4.08
N ARG C 125 4.03 -10.87 4.99
CA ARG C 125 3.46 -10.91 6.34
C ARG C 125 1.93 -10.79 6.27
N LEU C 126 1.42 -9.95 5.37
CA LEU C 126 -0.03 -9.77 5.16
C LEU C 126 -0.64 -11.07 4.64
N ILE C 127 -0.01 -11.68 3.61
CA ILE C 127 -0.48 -12.94 3.02
C ILE C 127 -0.48 -14.04 4.08
N LEU C 128 0.62 -14.13 4.87
CA LEU C 128 0.77 -15.16 5.91
C LEU C 128 -0.37 -15.08 6.94
N VAL C 129 -0.65 -13.88 7.48
CA VAL C 129 -1.71 -13.69 8.47
C VAL C 129 -3.07 -14.02 7.86
N ALA C 130 -3.34 -13.58 6.61
CA ALA C 130 -4.58 -13.89 5.93
C ALA C 130 -4.79 -15.41 5.81
N GLU C 131 -3.77 -16.14 5.34
CA GLU C 131 -3.87 -17.60 5.14
C GLU C 131 -3.93 -18.37 6.48
N ARG C 132 -3.23 -17.89 7.54
CA ARG C 132 -3.34 -18.47 8.87
C ARG C 132 -4.78 -18.30 9.38
N ALA C 133 -5.37 -17.08 9.23
CA ALA C 133 -6.74 -16.78 9.66
C ALA C 133 -7.77 -17.64 8.92
N LEU C 134 -7.56 -17.87 7.61
CA LEU C 134 -8.46 -18.66 6.76
C LEU C 134 -8.53 -20.15 7.16
N GLU C 135 -7.71 -20.60 8.14
CA GLU C 135 -7.75 -21.98 8.65
C GLU C 135 -9.13 -22.29 9.33
N THR C 136 -9.77 -21.25 9.95
CA THR C 136 -11.08 -21.22 10.66
C THR C 136 -11.46 -22.61 11.23
N ASP D 18 7.74 -30.59 12.09
CA ASP D 18 9.05 -31.17 11.79
C ASP D 18 9.51 -30.83 10.34
N ILE D 19 10.44 -29.87 10.23
CA ILE D 19 11.01 -29.39 8.96
C ILE D 19 12.49 -29.75 8.88
N LEU D 20 12.90 -30.44 7.81
CA LEU D 20 14.30 -30.77 7.56
C LEU D 20 14.90 -29.71 6.63
N VAL D 21 15.96 -29.02 7.09
CA VAL D 21 16.63 -27.98 6.32
C VAL D 21 17.94 -28.57 5.80
N VAL D 22 18.07 -28.71 4.49
CA VAL D 22 19.26 -29.31 3.86
C VAL D 22 20.05 -28.25 3.14
N ASP D 23 21.28 -27.96 3.65
CA ASP D 23 22.20 -27.01 3.03
C ASP D 23 23.63 -27.32 3.45
N ASP D 24 24.60 -27.28 2.52
CA ASP D 24 26.02 -27.52 2.83
C ASP D 24 26.60 -26.20 3.39
N GLU D 25 25.96 -25.07 3.06
CA GLU D 25 26.30 -23.74 3.60
C GLU D 25 25.55 -23.64 4.96
N VAL D 26 26.25 -23.92 6.07
CA VAL D 26 25.71 -24.05 7.44
C VAL D 26 25.29 -22.70 8.06
N ASP D 27 25.94 -21.58 7.73
CA ASP D 27 25.49 -20.23 8.15
C ASP D 27 24.06 -19.95 7.62
N ILE D 28 23.81 -20.22 6.33
CA ILE D 28 22.50 -20.06 5.68
C ILE D 28 21.51 -21.04 6.32
N ARG D 29 21.94 -22.31 6.52
CA ARG D 29 21.13 -23.36 7.13
C ARG D 29 20.68 -22.95 8.50
N ASP D 30 21.59 -22.38 9.34
CA ASP D 30 21.29 -21.93 10.71
C ASP D 30 20.26 -20.80 10.67
N LEU D 31 20.44 -19.86 9.75
CA LEU D 31 19.56 -18.70 9.57
C LEU D 31 18.12 -19.14 9.17
N VAL D 32 18.00 -20.09 8.19
CA VAL D 32 16.72 -20.67 7.74
C VAL D 32 16.06 -21.43 8.89
N ALA D 33 16.79 -22.39 9.50
CA ALA D 33 16.33 -23.19 10.64
C ALA D 33 15.91 -22.33 11.82
N GLY D 34 16.68 -21.27 12.08
CA GLY D 34 16.42 -20.30 13.14
C GLY D 34 15.13 -19.53 12.96
N ILE D 35 14.87 -19.00 11.73
CA ILE D 35 13.64 -18.28 11.37
C ILE D 35 12.41 -19.19 11.62
N LEU D 36 12.48 -20.44 11.15
CA LEU D 36 11.37 -21.41 11.27
C LEU D 36 11.14 -21.86 12.71
N SER D 37 12.23 -22.04 13.48
CA SER D 37 12.16 -22.45 14.88
C SER D 37 11.56 -21.34 15.74
N ASP D 38 11.89 -20.07 15.42
CA ASP D 38 11.38 -18.87 16.12
C ASP D 38 9.88 -18.72 15.92
N GLU D 39 9.36 -19.34 14.84
CA GLU D 39 7.95 -19.31 14.50
C GLU D 39 7.18 -20.47 15.14
N GLY D 40 7.91 -21.41 15.76
CA GLY D 40 7.34 -22.54 16.47
C GLY D 40 7.50 -23.90 15.82
N HIS D 41 8.26 -23.99 14.73
CA HIS D 41 8.46 -25.27 14.05
C HIS D 41 9.70 -26.00 14.56
N GLU D 42 9.61 -27.32 14.67
CA GLU D 42 10.75 -28.16 15.06
C GLU D 42 11.60 -28.34 13.82
N THR D 43 12.89 -28.01 13.90
CA THR D 43 13.75 -28.15 12.73
C THR D 43 14.84 -29.18 12.98
N ARG D 44 15.20 -29.85 11.90
CA ARG D 44 16.28 -30.81 11.82
C ARG D 44 17.16 -30.37 10.66
N THR D 45 18.42 -30.78 10.65
CA THR D 45 19.30 -30.32 9.58
C THR D 45 20.06 -31.48 8.95
N ALA D 46 20.51 -31.26 7.72
CA ALA D 46 21.35 -32.17 6.91
C ALA D 46 22.21 -31.30 6.03
N PHE D 47 23.31 -31.84 5.49
CA PHE D 47 24.28 -31.01 4.75
C PHE D 47 24.66 -31.61 3.38
N ASP D 48 24.17 -32.81 3.07
CA ASP D 48 24.47 -33.48 1.78
C ASP D 48 23.36 -34.51 1.46
N ALA D 49 23.47 -35.21 0.33
CA ALA D 49 22.50 -36.22 -0.10
C ALA D 49 22.38 -37.35 0.91
N ASP D 50 23.52 -37.91 1.37
CA ASP D 50 23.56 -39.01 2.34
C ASP D 50 22.96 -38.65 3.69
N SER D 51 23.30 -37.46 4.26
CA SER D 51 22.75 -37.05 5.56
C SER D 51 21.25 -36.77 5.44
N ALA D 52 20.80 -36.17 4.32
CA ALA D 52 19.38 -35.84 4.09
C ALA D 52 18.54 -37.11 3.99
N LEU D 53 18.96 -38.04 3.13
CA LEU D 53 18.26 -39.32 2.92
C LEU D 53 18.24 -40.16 4.19
N ALA D 54 19.37 -40.18 4.97
CA ALA D 54 19.42 -40.90 6.24
C ALA D 54 18.49 -40.28 7.27
N ALA D 55 18.40 -38.93 7.32
CA ALA D 55 17.52 -38.22 8.25
C ALA D 55 16.05 -38.50 7.94
N ILE D 56 15.66 -38.51 6.64
CA ILE D 56 14.28 -38.77 6.20
C ILE D 56 13.90 -40.23 6.51
N ASN D 57 14.81 -41.20 6.25
CA ASN D 57 14.57 -42.63 6.52
C ASN D 57 14.50 -42.90 8.03
N ASP D 58 15.22 -42.12 8.85
CA ASP D 58 15.20 -42.21 10.31
C ASP D 58 13.79 -41.88 10.82
N ARG D 59 13.26 -40.72 10.37
CA ARG D 59 11.89 -40.28 10.62
C ARG D 59 11.53 -39.25 9.55
N ALA D 60 10.44 -39.53 8.83
CA ALA D 60 9.97 -38.69 7.75
C ALA D 60 9.54 -37.31 8.27
N PRO D 61 10.11 -36.22 7.74
CA PRO D 61 9.65 -34.89 8.16
C PRO D 61 8.32 -34.55 7.46
N ARG D 62 7.70 -33.43 7.84
CA ARG D 62 6.47 -32.98 7.20
C ARG D 62 6.81 -32.09 5.98
N LEU D 63 8.06 -31.57 5.94
CA LEU D 63 8.56 -30.70 4.88
C LEU D 63 10.07 -30.70 4.84
N VAL D 64 10.63 -30.54 3.62
CA VAL D 64 12.07 -30.42 3.37
C VAL D 64 12.36 -29.11 2.65
N PHE D 65 13.32 -28.32 3.17
CA PHE D 65 13.90 -27.14 2.49
C PHE D 65 15.22 -27.61 1.95
N LEU D 66 15.43 -27.44 0.66
CA LEU D 66 16.65 -27.96 0.08
C LEU D 66 17.34 -26.91 -0.74
N ASP D 67 18.65 -26.68 -0.47
CA ASP D 67 19.44 -25.77 -1.29
C ASP D 67 19.78 -26.44 -2.63
N ILE D 68 19.41 -25.80 -3.76
CA ILE D 68 19.64 -26.31 -5.11
C ILE D 68 21.16 -26.47 -5.43
N TRP D 69 22.03 -25.69 -4.77
CA TRP D 69 23.47 -25.73 -5.03
C TRP D 69 24.22 -26.71 -4.12
N LEU D 70 23.47 -27.59 -3.42
CA LEU D 70 24.05 -28.62 -2.55
C LEU D 70 25.18 -29.38 -3.25
N GLN D 71 26.32 -29.49 -2.55
CA GLN D 71 27.52 -30.21 -3.00
C GLN D 71 28.22 -29.52 -4.17
N GLY D 72 27.93 -28.24 -4.35
CA GLY D 72 28.58 -27.41 -5.36
C GLY D 72 28.01 -27.49 -6.76
N SER D 73 26.83 -28.13 -6.94
CA SER D 73 26.22 -28.24 -8.25
C SER D 73 24.72 -28.22 -8.19
N ARG D 74 24.10 -27.48 -9.13
CA ARG D 74 22.65 -27.43 -9.29
C ARG D 74 22.10 -28.79 -9.73
N LEU D 75 22.93 -29.56 -10.46
CA LEU D 75 22.59 -30.91 -10.91
C LEU D 75 22.41 -31.86 -9.72
N ASP D 76 23.27 -31.74 -8.68
CA ASP D 76 23.23 -32.54 -7.45
C ASP D 76 22.02 -32.18 -6.60
N GLY D 77 21.67 -30.89 -6.54
CA GLY D 77 20.52 -30.42 -5.78
C GLY D 77 19.22 -30.96 -6.34
N LEU D 78 19.08 -30.89 -7.67
CA LEU D 78 17.91 -31.41 -8.41
C LEU D 78 17.91 -32.95 -8.36
N ALA D 79 19.09 -33.60 -8.34
CA ALA D 79 19.19 -35.06 -8.24
C ALA D 79 18.68 -35.52 -6.89
N LEU D 80 19.01 -34.81 -5.79
CA LEU D 80 18.51 -35.14 -4.45
C LEU D 80 16.97 -34.92 -4.38
N LEU D 81 16.46 -33.85 -5.00
CA LEU D 81 15.01 -33.61 -5.08
C LEU D 81 14.32 -34.81 -5.74
N ASP D 82 14.87 -35.29 -6.89
CA ASP D 82 14.35 -36.46 -7.61
C ASP D 82 14.31 -37.69 -6.72
N GLU D 83 15.37 -37.91 -5.92
CA GLU D 83 15.51 -39.06 -5.03
C GLU D 83 14.49 -39.01 -3.88
N ILE D 84 14.34 -37.83 -3.22
CA ILE D 84 13.38 -37.65 -2.14
C ILE D 84 11.94 -37.88 -2.66
N LYS D 85 11.63 -37.32 -3.84
CA LYS D 85 10.31 -37.46 -4.47
C LYS D 85 10.01 -38.90 -4.93
N LYS D 86 11.04 -39.63 -5.38
CA LYS D 86 10.90 -41.03 -5.80
C LYS D 86 10.57 -41.93 -4.57
N GLN D 87 11.25 -41.68 -3.45
CA GLN D 87 11.11 -42.46 -2.21
C GLN D 87 9.92 -42.02 -1.38
N HIS D 88 9.60 -40.70 -1.39
CA HIS D 88 8.50 -40.12 -0.61
C HIS D 88 7.71 -39.16 -1.49
N PRO D 89 6.81 -39.68 -2.36
CA PRO D 89 6.07 -38.79 -3.28
C PRO D 89 5.19 -37.73 -2.60
N GLU D 90 4.65 -38.03 -1.42
CA GLU D 90 3.74 -37.13 -0.68
C GLU D 90 4.50 -36.10 0.16
N LEU D 91 5.84 -36.23 0.29
CA LEU D 91 6.64 -35.32 1.09
C LEU D 91 6.97 -34.00 0.33
N PRO D 92 6.46 -32.85 0.82
CA PRO D 92 6.75 -31.58 0.14
C PRO D 92 8.21 -31.17 0.27
N VAL D 93 8.81 -30.77 -0.88
CA VAL D 93 10.18 -30.27 -0.94
C VAL D 93 10.15 -28.87 -1.52
N VAL D 94 10.72 -27.91 -0.77
CA VAL D 94 10.84 -26.53 -1.21
C VAL D 94 12.30 -26.27 -1.50
N MET D 95 12.62 -25.83 -2.72
CA MET D 95 13.97 -25.50 -3.09
C MET D 95 14.30 -24.10 -2.64
N ILE D 96 15.53 -23.90 -2.14
CA ILE D 96 15.99 -22.55 -1.81
C ILE D 96 17.22 -22.32 -2.67
N SER D 97 17.42 -21.09 -3.13
CA SER D 97 18.52 -20.82 -4.04
C SER D 97 19.20 -19.51 -3.75
N GLY D 98 20.52 -19.58 -3.62
CA GLY D 98 21.38 -18.42 -3.44
C GLY D 98 21.82 -17.85 -4.77
N HIS D 99 21.53 -18.54 -5.89
CA HIS D 99 21.86 -18.10 -7.25
C HIS D 99 21.12 -18.98 -8.26
N GLY D 100 19.89 -18.62 -8.55
CA GLY D 100 19.10 -19.38 -9.51
C GLY D 100 19.03 -18.73 -10.86
N ASN D 101 18.29 -19.39 -11.76
CA ASN D 101 17.92 -18.91 -13.09
C ASN D 101 16.53 -19.53 -13.38
N ILE D 102 15.90 -19.11 -14.45
CA ILE D 102 14.55 -19.54 -14.81
C ILE D 102 14.53 -21.04 -15.13
N GLU D 103 15.48 -21.50 -15.93
CA GLU D 103 15.58 -22.89 -16.40
C GLU D 103 15.60 -23.88 -15.23
N THR D 104 16.45 -23.68 -14.23
CA THR D 104 16.57 -24.62 -13.11
C THR D 104 15.39 -24.49 -12.17
N ALA D 105 14.80 -23.27 -12.03
CA ALA D 105 13.64 -23.09 -11.15
C ALA D 105 12.38 -23.77 -11.75
N VAL D 106 12.17 -23.70 -13.10
CA VAL D 106 11.00 -24.39 -13.68
C VAL D 106 11.27 -25.91 -13.63
N SER D 107 12.52 -26.30 -13.84
CA SER D 107 12.95 -27.70 -13.79
C SER D 107 12.63 -28.29 -12.42
N ALA D 108 12.92 -27.58 -11.33
CA ALA D 108 12.63 -28.08 -9.98
C ALA D 108 11.12 -28.31 -9.77
N ILE D 109 10.27 -27.35 -10.20
CA ILE D 109 8.82 -27.48 -10.02
C ILE D 109 8.28 -28.63 -10.86
N ARG D 110 8.75 -28.76 -12.10
CA ARG D 110 8.32 -29.84 -13.00
C ARG D 110 8.74 -31.19 -12.46
N ARG D 111 9.84 -31.25 -11.68
CA ARG D 111 10.36 -32.46 -11.08
C ARG D 111 9.77 -32.72 -9.69
N GLY D 112 8.76 -31.95 -9.31
CA GLY D 112 8.04 -32.20 -8.06
C GLY D 112 8.24 -31.27 -6.90
N ALA D 113 9.10 -30.23 -7.03
CA ALA D 113 9.29 -29.28 -5.93
C ALA D 113 8.00 -28.49 -5.73
N TYR D 114 7.60 -28.30 -4.46
CA TYR D 114 6.38 -27.56 -4.11
C TYR D 114 6.52 -26.10 -4.48
N ASP D 115 7.70 -25.54 -4.18
CA ASP D 115 7.99 -24.14 -4.46
C ASP D 115 9.49 -23.99 -4.60
N PHE D 116 9.92 -22.84 -5.06
CA PHE D 116 11.31 -22.47 -5.24
C PHE D 116 11.47 -21.07 -4.64
N ILE D 117 12.39 -20.91 -3.67
CA ILE D 117 12.60 -19.59 -3.10
C ILE D 117 13.97 -19.06 -3.50
N GLU D 118 13.97 -17.97 -4.27
CA GLU D 118 15.21 -17.33 -4.70
C GLU D 118 15.59 -16.25 -3.67
N LYS D 119 16.90 -16.11 -3.40
CA LYS D 119 17.44 -15.08 -2.52
C LYS D 119 17.01 -13.67 -3.03
N PRO D 120 16.91 -12.64 -2.16
CA PRO D 120 17.19 -12.65 -0.72
C PRO D 120 16.13 -13.42 0.04
N PHE D 121 16.58 -14.24 1.00
CA PHE D 121 15.69 -15.04 1.83
C PHE D 121 15.05 -14.12 2.88
N LYS D 122 13.78 -13.81 2.66
CA LYS D 122 12.92 -12.99 3.50
C LYS D 122 12.28 -13.90 4.53
N ALA D 123 12.36 -13.56 5.81
CA ALA D 123 11.80 -14.39 6.87
C ALA D 123 10.31 -14.71 6.63
N ASP D 124 9.51 -13.71 6.26
CA ASP D 124 8.07 -13.85 6.00
C ASP D 124 7.79 -14.79 4.83
N ARG D 125 8.62 -14.77 3.76
CA ARG D 125 8.44 -15.66 2.59
C ARG D 125 8.73 -17.10 2.96
N LEU D 126 9.79 -17.34 3.75
CA LEU D 126 10.14 -18.68 4.24
C LEU D 126 9.02 -19.24 5.11
N ILE D 127 8.47 -18.41 6.01
CA ILE D 127 7.40 -18.87 6.90
C ILE D 127 6.12 -19.15 6.10
N LEU D 128 5.72 -18.23 5.19
CA LEU D 128 4.52 -18.38 4.36
C LEU D 128 4.59 -19.68 3.52
N VAL D 129 5.70 -19.90 2.81
CA VAL D 129 5.89 -21.06 1.94
C VAL D 129 5.90 -22.33 2.80
N ALA D 130 6.59 -22.32 3.94
CA ALA D 130 6.63 -23.47 4.84
C ALA D 130 5.20 -23.86 5.30
N GLU D 131 4.41 -22.88 5.77
CA GLU D 131 3.05 -23.14 6.24
C GLU D 131 2.09 -23.52 5.11
N ARG D 132 2.26 -22.97 3.87
CA ARG D 132 1.47 -23.39 2.70
C ARG D 132 1.78 -24.85 2.36
N ALA D 133 3.07 -25.23 2.35
CA ALA D 133 3.51 -26.58 2.06
C ALA D 133 2.97 -27.59 3.11
N LEU D 134 2.96 -27.19 4.40
CA LEU D 134 2.47 -28.03 5.51
C LEU D 134 0.94 -28.25 5.49
N GLU D 135 0.19 -27.31 4.90
CA GLU D 135 -1.29 -27.37 4.77
C GLU D 135 -1.69 -28.45 3.74
N THR D 136 -0.74 -28.88 2.87
CA THR D 136 -0.97 -29.89 1.84
C THR D 136 -0.58 -31.30 2.36
#